data_7NM7
#
_entry.id   7NM7
#
_cell.length_a   87.897
_cell.length_b   87.897
_cell.length_c   116.262
_cell.angle_alpha   90.000
_cell.angle_beta   90.000
_cell.angle_gamma   120.000
#
_symmetry.space_group_name_H-M   'P 62 2 2'
#
loop_
_entity.id
_entity.type
_entity.pdbx_description
1 polymer 'Antimycin pathway standalone ketoreductase enzyme, AntM'
2 water water
#
_entity_poly.entity_id   1
_entity_poly.type   'polypeptide(L)'
_entity_poly.pdbx_seq_one_letter_code
;MGSSHHHHHHSSGLVPRGSHMENLYFQGMTTTQRHQGRTALVTGGSRGIGRAISRRLAAEGALVAVHYGHDHAAAERTVK
EIETDGGRAFPVHAELGVEGDAATLWAAFDEALSGTGSGPGLDILVNNAGITLPRPIAAVTEAEYDRVFAVNTRAPFFIV
QRSLERLRDGGRIISISSAATQTAYPAIVAYSMSKGALDVLTPALAKQLGPRGITVNTVAPGFTETEINPTLSNPEIRKA
LSSASVFGRLGAPADIADVVSFVASDEARWVTGQWIDATGGVGLGL
;
_entity_poly.pdbx_strand_id   AAA
#
# COMPACT_ATOMS: atom_id res chain seq x y z
N THR A 32 3.34 -19.12 -9.39
CA THR A 32 2.81 -19.60 -8.08
C THR A 32 1.29 -19.79 -8.21
N GLN A 33 0.56 -18.75 -8.63
CA GLN A 33 -0.93 -18.73 -8.83
C GLN A 33 -1.66 -18.71 -7.46
N ARG A 34 -1.03 -18.09 -6.47
CA ARG A 34 -1.49 -18.03 -5.05
C ARG A 34 -2.76 -17.19 -4.94
N HIS A 35 -3.00 -16.25 -5.85
CA HIS A 35 -4.18 -15.35 -5.80
C HIS A 35 -5.17 -15.66 -6.92
N GLN A 36 -5.12 -16.87 -7.50
CA GLN A 36 -6.06 -17.37 -8.55
C GLN A 36 -7.50 -17.07 -8.09
N GLY A 37 -8.29 -16.39 -8.92
CA GLY A 37 -9.72 -16.11 -8.67
C GLY A 37 -10.00 -14.90 -7.77
N ARG A 38 -8.99 -14.23 -7.25
CA ARG A 38 -9.19 -13.14 -6.25
C ARG A 38 -9.20 -11.76 -6.93
N THR A 39 -9.81 -10.77 -6.29
CA THR A 39 -9.80 -9.35 -6.71
C THR A 39 -9.00 -8.51 -5.70
N ALA A 40 -7.97 -7.82 -6.19
CA ALA A 40 -7.08 -6.93 -5.40
C ALA A 40 -7.33 -5.46 -5.81
N LEU A 41 -7.23 -4.56 -4.85
CA LEU A 41 -7.11 -3.11 -5.10
C LEU A 41 -5.81 -2.61 -4.45
N VAL A 42 -4.97 -1.95 -5.23
CA VAL A 42 -3.68 -1.35 -4.81
C VAL A 42 -3.78 0.15 -5.01
N THR A 43 -3.91 0.91 -3.93
CA THR A 43 -3.93 2.39 -4.02
C THR A 43 -2.51 2.83 -4.35
N GLY A 44 -2.36 3.88 -5.17
CA GLY A 44 -1.07 4.28 -5.75
C GLY A 44 -0.41 3.07 -6.35
N GLY A 45 -1.10 2.36 -7.23
CA GLY A 45 -0.60 1.09 -7.81
C GLY A 45 0.10 1.33 -9.12
N SER A 46 0.22 2.60 -9.55
CA SER A 46 0.65 2.92 -10.95
C SER A 46 2.19 2.83 -11.09
N ARG A 47 2.94 2.99 -9.99
CA ARG A 47 4.43 3.00 -10.10
C ARG A 47 5.15 2.76 -8.77
N GLY A 48 6.46 2.62 -8.89
CA GLY A 48 7.36 2.29 -7.79
C GLY A 48 6.86 1.04 -7.11
N ILE A 49 6.67 1.11 -5.78
CA ILE A 49 6.24 -0.03 -4.93
C ILE A 49 4.83 -0.42 -5.35
N GLY A 50 3.95 0.57 -5.49
CA GLY A 50 2.57 0.30 -5.93
C GLY A 50 2.59 -0.59 -7.15
N ARG A 51 3.40 -0.21 -8.13
CA ARG A 51 3.44 -0.94 -9.42
C ARG A 51 3.92 -2.37 -9.23
N ALA A 52 5.05 -2.60 -8.54
CA ALA A 52 5.57 -3.98 -8.35
C ALA A 52 4.53 -4.84 -7.65
N ILE A 53 3.80 -4.26 -6.68
CA ILE A 53 2.76 -5.03 -5.94
C ILE A 53 1.70 -5.44 -6.97
N SER A 54 1.17 -4.47 -7.69
CA SER A 54 0.10 -4.71 -8.70
C SER A 54 0.54 -5.86 -9.60
N ARG A 55 1.78 -5.78 -10.08
CA ARG A 55 2.36 -6.76 -11.03
C ARG A 55 2.47 -8.14 -10.37
N ARG A 56 3.01 -8.19 -9.16
CA ARG A 56 3.24 -9.49 -8.46
C ARG A 56 1.88 -10.15 -8.29
N LEU A 57 0.90 -9.39 -7.79
CA LEU A 57 -0.45 -9.92 -7.50
C LEU A 57 -1.06 -10.41 -8.83
N ALA A 58 -0.96 -9.60 -9.88
CA ALA A 58 -1.62 -9.95 -11.16
C ALA A 58 -0.95 -11.19 -11.78
N ALA A 59 0.35 -11.38 -11.54
CA ALA A 59 1.17 -12.51 -12.03
C ALA A 59 0.79 -13.82 -11.32
N GLU A 60 0.06 -13.72 -10.21
CA GLU A 60 -0.34 -14.88 -9.37
C GLU A 60 -1.85 -15.06 -9.50
N GLY A 61 -2.47 -14.39 -10.48
CA GLY A 61 -3.86 -14.65 -10.88
C GLY A 61 -4.84 -13.62 -10.37
N ALA A 62 -4.43 -12.68 -9.52
CA ALA A 62 -5.36 -11.68 -8.95
C ALA A 62 -5.83 -10.77 -10.07
N LEU A 63 -7.09 -10.38 -10.08
CA LEU A 63 -7.57 -9.26 -10.93
C LEU A 63 -7.24 -7.95 -10.20
N VAL A 64 -6.42 -7.08 -10.79
CA VAL A 64 -5.88 -5.96 -9.98
C VAL A 64 -6.47 -4.65 -10.46
N ALA A 65 -7.20 -4.01 -9.57
CA ALA A 65 -7.61 -2.61 -9.69
C ALA A 65 -6.38 -1.76 -9.34
N VAL A 66 -5.82 -1.12 -10.37
CA VAL A 66 -4.64 -0.22 -10.28
C VAL A 66 -5.15 1.21 -10.09
N HIS A 67 -5.15 1.68 -8.84
CA HIS A 67 -5.59 3.04 -8.48
C HIS A 67 -4.48 4.03 -8.79
N TYR A 68 -4.87 5.24 -9.20
CA TYR A 68 -4.02 6.43 -9.46
C TYR A 68 -4.85 7.69 -9.20
N GLY A 69 -4.19 8.77 -8.78
CA GLY A 69 -4.80 10.08 -8.41
C GLY A 69 -4.50 11.17 -9.42
N HIS A 70 -3.30 11.16 -10.02
CA HIS A 70 -2.75 12.17 -10.96
C HIS A 70 -2.35 11.50 -12.29
N ASP A 71 -1.61 10.39 -12.24
CA ASP A 71 -0.71 9.92 -13.33
C ASP A 71 -1.40 8.86 -14.20
N HIS A 72 -2.26 9.32 -15.12
CA HIS A 72 -3.10 8.42 -15.96
C HIS A 72 -2.18 7.50 -16.77
N ALA A 73 -1.22 8.08 -17.46
CA ALA A 73 -0.36 7.32 -18.40
C ALA A 73 0.35 6.19 -17.63
N ALA A 74 0.83 6.46 -16.40
CA ALA A 74 1.56 5.48 -15.56
C ALA A 74 0.62 4.32 -15.21
N ALA A 75 -0.63 4.64 -14.87
CA ALA A 75 -1.69 3.63 -14.60
C ALA A 75 -1.86 2.77 -15.84
N GLU A 76 -2.07 3.41 -17.00
CA GLU A 76 -2.32 2.68 -18.26
C GLU A 76 -1.08 1.83 -18.54
N ARG A 77 0.10 2.40 -18.28
CA ARG A 77 1.41 1.72 -18.43
C ARG A 77 1.39 0.41 -17.64
N THR A 78 1.04 0.50 -16.35
CA THR A 78 1.09 -0.65 -15.42
C THR A 78 0.09 -1.71 -15.87
N VAL A 79 -1.14 -1.28 -16.15
CA VAL A 79 -2.23 -2.18 -16.62
C VAL A 79 -1.77 -2.96 -17.87
N LYS A 80 -1.24 -2.27 -18.91
CA LYS A 80 -0.89 -2.90 -20.21
C LYS A 80 0.22 -3.92 -19.94
N GLU A 81 1.26 -3.49 -19.23
CA GLU A 81 2.37 -4.35 -18.75
C GLU A 81 1.78 -5.66 -18.24
N ILE A 82 0.77 -5.56 -17.37
CA ILE A 82 0.16 -6.73 -16.68
C ILE A 82 -0.53 -7.60 -17.73
N GLU A 83 -1.37 -6.96 -18.54
CA GLU A 83 -2.11 -7.60 -19.66
C GLU A 83 -1.11 -8.23 -20.63
N THR A 84 -0.02 -7.53 -20.99
CA THR A 84 1.01 -8.10 -21.89
C THR A 84 1.49 -9.41 -21.30
N ASP A 85 1.73 -9.46 -20.00
CA ASP A 85 2.29 -10.65 -19.30
C ASP A 85 1.20 -11.70 -19.09
N GLY A 86 -0.07 -11.37 -19.30
CA GLY A 86 -1.14 -12.38 -19.33
C GLY A 86 -1.91 -12.46 -18.02
N GLY A 87 -1.87 -11.39 -17.23
CA GLY A 87 -2.78 -11.16 -16.11
C GLY A 87 -3.88 -10.23 -16.56
N ARG A 88 -4.87 -9.99 -15.69
CA ARG A 88 -5.95 -9.00 -15.91
C ARG A 88 -5.82 -7.91 -14.82
N ALA A 89 -5.93 -6.64 -15.21
CA ALA A 89 -5.94 -5.48 -14.30
C ALA A 89 -6.70 -4.38 -15.00
N PHE A 90 -7.15 -3.36 -14.27
CA PHE A 90 -7.87 -2.20 -14.84
C PHE A 90 -7.54 -0.93 -14.06
N PRO A 91 -7.56 0.26 -14.69
CA PRO A 91 -7.33 1.52 -14.00
C PRO A 91 -8.52 1.96 -13.16
N VAL A 92 -8.27 2.70 -12.07
CA VAL A 92 -9.27 3.27 -11.12
C VAL A 92 -8.76 4.65 -10.71
N HIS A 93 -9.44 5.69 -11.14
CA HIS A 93 -9.01 7.09 -10.95
C HIS A 93 -9.69 7.62 -9.70
N ALA A 94 -8.89 8.12 -8.75
CA ALA A 94 -9.36 8.92 -7.59
C ALA A 94 -8.20 9.71 -6.95
N GLU A 95 -8.30 11.03 -7.09
CA GLU A 95 -7.44 12.05 -6.43
C GLU A 95 -7.66 11.87 -4.94
N LEU A 96 -6.62 11.53 -4.22
CA LEU A 96 -6.71 11.33 -2.75
C LEU A 96 -6.43 12.65 -2.03
N GLY A 97 -6.86 12.78 -0.79
CA GLY A 97 -6.75 14.00 0.03
C GLY A 97 -7.57 15.14 -0.55
N VAL A 98 -8.67 14.84 -1.23
CA VAL A 98 -9.72 15.84 -1.61
C VAL A 98 -11.08 15.29 -1.18
N GLU A 99 -11.95 16.18 -0.70
CA GLU A 99 -13.37 15.88 -0.34
C GLU A 99 -14.00 14.96 -1.39
N GLY A 100 -14.52 13.79 -0.96
CA GLY A 100 -15.12 12.75 -1.82
C GLY A 100 -14.10 11.85 -2.51
N ASP A 101 -12.88 11.74 -1.97
CA ASP A 101 -11.84 10.84 -2.51
C ASP A 101 -12.25 9.36 -2.37
N ALA A 102 -12.61 8.93 -1.16
CA ALA A 102 -12.88 7.50 -0.90
C ALA A 102 -14.11 7.10 -1.73
N ALA A 103 -15.15 7.92 -1.69
CA ALA A 103 -16.41 7.65 -2.44
C ALA A 103 -16.03 7.49 -3.92
N THR A 104 -15.21 8.41 -4.43
CA THR A 104 -14.84 8.45 -5.86
C THR A 104 -14.17 7.13 -6.21
N LEU A 105 -13.20 6.75 -5.37
CA LEU A 105 -12.41 5.54 -5.62
C LEU A 105 -13.38 4.35 -5.79
N TRP A 106 -14.23 4.14 -4.80
CA TRP A 106 -15.11 2.94 -4.74
C TRP A 106 -16.21 3.07 -5.80
N ALA A 107 -16.64 4.29 -6.12
CA ALA A 107 -17.59 4.54 -7.24
C ALA A 107 -16.95 4.01 -8.51
N ALA A 108 -15.65 4.25 -8.72
CA ALA A 108 -14.95 3.96 -9.97
C ALA A 108 -14.56 2.48 -10.04
N PHE A 109 -14.28 1.87 -8.90
CA PHE A 109 -14.06 0.41 -8.76
C PHE A 109 -15.32 -0.38 -9.22
N ASP A 110 -16.49 0.06 -8.77
CA ASP A 110 -17.79 -0.61 -9.03
C ASP A 110 -18.17 -0.43 -10.50
N GLU A 111 -18.22 0.83 -10.95
CA GLU A 111 -18.36 1.20 -12.38
C GLU A 111 -17.58 0.22 -13.25
N ALA A 112 -16.40 -0.21 -12.80
CA ALA A 112 -15.47 -1.02 -13.62
C ALA A 112 -15.93 -2.49 -13.63
N LEU A 113 -16.31 -3.03 -12.48
CA LEU A 113 -16.67 -4.45 -12.29
C LEU A 113 -18.12 -4.72 -12.75
N SER A 114 -18.95 -3.67 -12.78
CA SER A 114 -20.40 -3.73 -13.06
C SER A 114 -20.63 -4.32 -14.46
N GLY A 115 -21.61 -5.21 -14.55
CA GLY A 115 -21.95 -6.01 -15.75
C GLY A 115 -20.80 -6.90 -16.19
N THR A 116 -19.85 -7.25 -15.31
CA THR A 116 -18.58 -8.01 -15.61
C THR A 116 -18.63 -9.42 -15.02
N SER A 118 -16.84 -9.69 -12.79
CA SER A 118 -16.67 -10.14 -11.37
C SER A 118 -17.51 -9.22 -10.47
N GLY A 119 -18.09 -9.77 -9.40
CA GLY A 119 -19.05 -9.06 -8.53
C GLY A 119 -18.39 -7.87 -7.84
N PRO A 120 -19.12 -7.15 -6.94
CA PRO A 120 -18.62 -5.94 -6.29
C PRO A 120 -17.63 -6.16 -5.12
N GLY A 121 -17.34 -7.42 -4.81
CA GLY A 121 -16.51 -7.76 -3.64
C GLY A 121 -15.03 -7.70 -3.97
N LEU A 122 -14.18 -7.68 -2.95
CA LEU A 122 -12.71 -7.81 -3.13
C LEU A 122 -12.14 -8.69 -2.02
N ASP A 123 -10.96 -9.22 -2.28
CA ASP A 123 -10.22 -10.13 -1.38
C ASP A 123 -9.08 -9.38 -0.69
N ILE A 124 -8.39 -8.51 -1.42
CA ILE A 124 -7.08 -7.92 -1.03
C ILE A 124 -7.16 -6.41 -1.23
N LEU A 125 -7.05 -5.67 -0.13
CA LEU A 125 -6.84 -4.20 -0.15
C LEU A 125 -5.39 -3.90 0.25
N VAL A 126 -4.65 -3.20 -0.62
CA VAL A 126 -3.30 -2.65 -0.32
C VAL A 126 -3.37 -1.12 -0.32
N ASN A 127 -3.19 -0.54 0.86
CA ASN A 127 -3.02 0.92 1.04
C ASN A 127 -1.57 1.29 0.75
N ASN A 128 -1.26 1.56 -0.52
CA ASN A 128 0.09 1.97 -0.93
C ASN A 128 0.18 3.49 -1.23
N ALA A 129 -0.91 4.17 -1.59
CA ALA A 129 -0.91 5.62 -1.87
C ALA A 129 -0.27 6.41 -0.74
N GLY A 130 0.66 7.30 -1.08
CA GLY A 130 1.35 8.16 -0.10
C GLY A 130 2.08 9.30 -0.77
N ILE A 131 2.23 10.41 -0.06
CA ILE A 131 3.13 11.52 -0.47
C ILE A 131 4.16 11.74 0.66
N THR A 132 5.37 12.08 0.27
CA THR A 132 6.51 12.35 1.19
C THR A 132 6.41 13.77 1.75
N LEU A 133 7.04 14.02 2.87
CA LEU A 133 7.28 15.41 3.32
C LEU A 133 8.62 15.40 4.02
N PRO A 134 9.71 15.59 3.26
CA PRO A 134 11.06 15.60 3.83
C PRO A 134 11.40 16.95 4.47
N ARG A 135 10.73 17.34 5.55
CA ARG A 135 11.02 18.59 6.29
C ARG A 135 11.05 18.22 7.76
N PRO A 136 12.04 18.66 8.55
CA PRO A 136 11.97 18.49 9.99
C PRO A 136 10.94 19.49 10.53
N ILE A 137 10.66 19.37 11.82
CA ILE A 137 9.49 20.03 12.44
C ILE A 137 9.58 21.52 12.18
N ALA A 138 10.77 22.12 12.25
CA ALA A 138 10.92 23.60 12.25
C ALA A 138 10.36 24.19 10.95
N ALA A 139 10.29 23.40 9.87
CA ALA A 139 9.99 23.82 8.47
C ALA A 139 8.66 23.29 7.91
N VAL A 140 7.96 22.41 8.65
CA VAL A 140 6.65 21.87 8.20
C VAL A 140 5.61 22.97 8.29
N THR A 141 4.93 23.31 7.19
CA THR A 141 3.81 24.28 7.15
C THR A 141 2.50 23.54 7.39
N GLU A 142 1.47 24.26 7.83
CA GLU A 142 0.07 23.77 7.89
C GLU A 142 -0.31 23.16 6.54
N ALA A 143 -0.10 23.86 5.44
CA ALA A 143 -0.49 23.36 4.09
C ALA A 143 0.10 21.97 3.86
N GLU A 144 1.39 21.82 4.12
CA GLU A 144 2.13 20.56 3.83
C GLU A 144 1.65 19.46 4.77
N TYR A 145 1.61 19.74 6.09
CA TYR A 145 1.03 18.85 7.12
C TYR A 145 -0.36 18.36 6.64
N ASP A 146 -1.29 19.29 6.41
CA ASP A 146 -2.70 18.93 6.12
C ASP A 146 -2.72 18.08 4.87
N ARG A 147 -1.88 18.41 3.90
CA ARG A 147 -1.82 17.64 2.65
C ARG A 147 -1.38 16.21 2.98
N VAL A 148 -0.33 16.04 3.78
CA VAL A 148 0.22 14.67 3.98
C VAL A 148 -0.79 13.84 4.78
N PHE A 149 -1.45 14.43 5.79
CA PHE A 149 -2.46 13.72 6.61
C PHE A 149 -3.66 13.36 5.72
N ALA A 150 -4.12 14.28 4.87
CA ALA A 150 -5.27 14.04 3.97
C ALA A 150 -5.00 12.80 3.11
N VAL A 151 -3.80 12.67 2.56
CA VAL A 151 -3.48 11.63 1.55
C VAL A 151 -3.13 10.32 2.25
N ASN A 152 -2.37 10.41 3.34
CA ASN A 152 -1.61 9.28 3.92
C ASN A 152 -2.43 8.60 5.01
N THR A 153 -3.33 9.32 5.68
CA THR A 153 -4.12 8.81 6.83
C THR A 153 -5.63 8.86 6.50
N ARG A 154 -6.18 10.04 6.26
CA ARG A 154 -7.62 10.27 6.09
C ARG A 154 -8.11 9.47 4.87
N ALA A 155 -7.45 9.59 3.72
CA ALA A 155 -7.84 8.83 2.53
C ALA A 155 -7.86 7.33 2.85
N PRO A 156 -6.75 6.68 3.28
CA PRO A 156 -6.78 5.24 3.50
C PRO A 156 -7.82 4.83 4.55
N PHE A 157 -8.04 5.65 5.57
CA PHE A 157 -9.02 5.31 6.62
C PHE A 157 -10.43 5.10 6.04
N PHE A 158 -10.91 6.08 5.28
CA PHE A 158 -12.25 6.08 4.65
C PHE A 158 -12.28 5.12 3.46
N ILE A 159 -11.17 4.89 2.80
CA ILE A 159 -11.12 3.82 1.77
C ILE A 159 -11.34 2.47 2.45
N VAL A 160 -10.75 2.25 3.63
CA VAL A 160 -10.85 0.96 4.34
C VAL A 160 -12.26 0.82 4.89
N GLN A 161 -12.78 1.88 5.53
CA GLN A 161 -14.13 1.90 6.11
C GLN A 161 -15.12 1.40 5.07
N ARG A 162 -15.10 2.00 3.90
CA ARG A 162 -16.00 1.65 2.76
C ARG A 162 -15.60 0.31 2.16
N SER A 163 -14.38 -0.17 2.42
CA SER A 163 -13.94 -1.49 1.93
C SER A 163 -14.69 -2.59 2.67
N LEU A 164 -15.01 -2.40 3.95
CA LEU A 164 -15.49 -3.51 4.85
C LEU A 164 -16.83 -4.06 4.39
N GLU A 165 -17.66 -3.26 3.74
CA GLU A 165 -18.94 -3.71 3.15
C GLU A 165 -18.66 -4.75 2.06
N ARG A 166 -17.50 -4.69 1.38
CA ARG A 166 -17.24 -5.49 0.14
C ARG A 166 -16.23 -6.61 0.40
N LEU A 167 -15.60 -6.62 1.56
CA LEU A 167 -14.39 -7.45 1.75
C LEU A 167 -14.86 -8.84 2.14
N ARG A 168 -14.49 -9.85 1.36
CA ARG A 168 -14.91 -11.24 1.59
C ARG A 168 -14.12 -11.90 2.72
N ASP A 169 -14.67 -13.01 3.22
CA ASP A 169 -14.05 -13.87 4.26
C ASP A 169 -12.70 -14.33 3.69
N GLY A 170 -11.74 -14.62 4.56
CA GLY A 170 -10.35 -14.94 4.19
C GLY A 170 -9.67 -13.79 3.47
N GLY A 171 -10.21 -12.58 3.57
CA GLY A 171 -9.67 -11.41 2.87
C GLY A 171 -8.40 -10.91 3.55
N ARG A 172 -7.82 -9.86 2.98
CA ARG A 172 -6.51 -9.27 3.33
C ARG A 172 -6.61 -7.74 3.27
N ILE A 173 -6.24 -7.06 4.36
CA ILE A 173 -5.94 -5.60 4.35
C ILE A 173 -4.45 -5.47 4.64
N ILE A 174 -3.74 -4.77 3.77
CA ILE A 174 -2.26 -4.61 3.88
C ILE A 174 -1.97 -3.12 3.74
N SER A 175 -1.52 -2.48 4.81
CA SER A 175 -1.10 -1.08 4.79
C SER A 175 0.43 -1.00 4.59
N ILE A 176 0.87 -0.18 3.65
CA ILE A 176 2.30 0.07 3.36
C ILE A 176 2.68 1.27 4.22
N SER A 177 3.53 1.06 5.22
CA SER A 177 3.92 2.04 6.25
C SER A 177 5.33 2.54 5.90
N SER A 178 6.21 2.76 6.88
CA SER A 178 7.62 3.19 6.69
C SER A 178 8.42 2.71 7.88
N ALA A 179 9.70 2.41 7.69
CA ALA A 179 10.67 2.14 8.77
C ALA A 179 10.67 3.28 9.78
N ALA A 180 10.38 4.50 9.34
CA ALA A 180 10.51 5.74 10.14
C ALA A 180 9.38 5.84 11.19
N THR A 181 8.36 4.98 11.17
CA THR A 181 7.34 4.93 12.27
C THR A 181 7.97 4.33 13.51
N GLN A 182 8.93 3.41 13.38
CA GLN A 182 9.50 2.66 14.53
C GLN A 182 10.98 3.01 14.73
N THR A 183 11.62 3.69 13.77
CA THR A 183 13.01 4.20 13.88
C THR A 183 13.01 5.73 13.70
N ALA A 184 13.50 6.44 14.73
CA ALA A 184 13.51 7.93 14.77
C ALA A 184 14.26 8.46 13.55
N TYR A 185 13.57 9.25 12.75
CA TYR A 185 14.08 9.91 11.54
C TYR A 185 13.53 11.33 11.56
N PRO A 186 14.09 12.25 12.38
CA PRO A 186 13.54 13.60 12.53
C PRO A 186 13.25 14.36 11.21
N ALA A 187 14.03 14.12 10.18
CA ALA A 187 14.01 14.96 8.96
C ALA A 187 12.71 14.70 8.18
N ILE A 188 11.96 13.63 8.49
CA ILE A 188 10.66 13.33 7.80
C ILE A 188 9.53 13.16 8.82
N VAL A 189 9.58 13.86 9.97
CA VAL A 189 8.73 13.61 11.17
C VAL A 189 7.22 13.63 10.82
N ALA A 190 6.73 14.61 10.09
CA ALA A 190 5.29 14.77 9.82
C ALA A 190 4.83 13.62 8.94
N TYR A 191 5.65 13.21 7.97
CA TYR A 191 5.34 12.04 7.11
C TYR A 191 5.17 10.79 7.99
N SER A 192 6.10 10.61 8.94
CA SER A 192 6.16 9.40 9.77
C SER A 192 4.90 9.34 10.64
N MET A 193 4.54 10.45 11.26
CA MET A 193 3.30 10.60 12.05
C MET A 193 2.10 10.13 11.20
N SER A 194 2.02 10.52 9.93
CA SER A 194 0.89 10.15 9.04
C SER A 194 0.84 8.61 8.95
N LYS A 195 1.97 7.96 8.77
CA LYS A 195 2.06 6.48 8.68
C LYS A 195 1.82 5.84 10.05
N GLY A 196 2.33 6.44 11.12
CA GLY A 196 2.07 6.01 12.51
C GLY A 196 0.59 5.80 12.80
N ALA A 197 -0.22 6.77 12.40
CA ALA A 197 -1.68 6.78 12.63
C ALA A 197 -2.26 5.55 11.93
N LEU A 198 -1.85 5.31 10.70
CA LEU A 198 -2.38 4.16 9.94
C LEU A 198 -1.89 2.83 10.55
N ASP A 199 -0.77 2.82 11.26
CA ASP A 199 -0.23 1.59 11.89
C ASP A 199 -1.15 1.15 13.04
N VAL A 200 -1.79 2.09 13.74
CA VAL A 200 -2.76 1.83 14.84
C VAL A 200 -3.99 1.11 14.28
N LEU A 201 -4.36 1.40 13.05
CA LEU A 201 -5.51 0.77 12.40
C LEU A 201 -5.29 -0.73 12.24
N THR A 202 -4.05 -1.18 12.06
CA THR A 202 -3.81 -2.59 11.66
C THR A 202 -4.29 -3.50 12.78
N PRO A 203 -3.82 -3.34 14.03
CA PRO A 203 -4.20 -4.25 15.11
C PRO A 203 -5.69 -4.14 15.46
N ALA A 204 -6.25 -2.93 15.42
CA ALA A 204 -7.67 -2.65 15.67
C ALA A 204 -8.52 -3.54 14.76
N LEU A 205 -8.33 -3.44 13.45
CA LEU A 205 -9.10 -4.23 12.43
C LEU A 205 -8.74 -5.71 12.47
N ALA A 206 -7.52 -6.10 12.85
CA ALA A 206 -7.18 -7.54 12.87
C ALA A 206 -8.04 -8.15 13.98
N LYS A 207 -8.32 -7.39 15.02
CA LYS A 207 -9.16 -7.89 16.13
C LYS A 207 -10.61 -7.92 15.67
N GLN A 208 -11.09 -6.83 15.08
CA GLN A 208 -12.51 -6.71 14.68
C GLN A 208 -12.83 -7.73 13.59
N LEU A 209 -11.91 -7.99 12.67
CA LEU A 209 -12.22 -8.75 11.41
C LEU A 209 -11.82 -10.22 11.56
N GLY A 210 -10.99 -10.51 12.56
CA GLY A 210 -10.54 -11.89 12.92
C GLY A 210 -11.61 -12.97 12.74
N PRO A 211 -12.80 -12.83 13.38
CA PRO A 211 -13.84 -13.85 13.25
C PRO A 211 -14.20 -14.19 11.80
N ARG A 212 -14.01 -13.31 10.83
CA ARG A 212 -14.34 -13.62 9.42
C ARG A 212 -13.12 -14.16 8.65
N GLY A 213 -12.02 -14.49 9.34
CA GLY A 213 -10.81 -15.06 8.70
C GLY A 213 -10.06 -14.04 7.84
N ILE A 214 -10.31 -12.74 8.04
CA ILE A 214 -9.59 -11.63 7.38
C ILE A 214 -8.37 -11.29 8.24
N THR A 215 -7.21 -11.19 7.60
CA THR A 215 -5.97 -10.69 8.25
C THR A 215 -5.78 -9.22 7.88
N VAL A 216 -5.29 -8.44 8.84
CA VAL A 216 -4.89 -7.03 8.66
C VAL A 216 -3.44 -6.92 9.10
N ASN A 217 -2.58 -6.55 8.17
CA ASN A 217 -1.13 -6.37 8.44
C ASN A 217 -0.62 -5.05 7.88
N THR A 218 0.40 -4.50 8.53
CA THR A 218 1.28 -3.44 8.00
C THR A 218 2.53 -4.12 7.41
N VAL A 219 2.91 -3.69 6.21
CA VAL A 219 4.27 -3.95 5.65
C VAL A 219 5.00 -2.61 5.59
N ALA A 220 6.13 -2.51 6.31
CA ALA A 220 6.95 -1.27 6.47
C ALA A 220 8.17 -1.37 5.57
N PRO A 221 8.20 -0.67 4.41
CA PRO A 221 9.42 -0.58 3.61
C PRO A 221 10.44 0.29 4.37
N GLY A 222 11.71 0.15 3.99
CA GLY A 222 12.79 1.06 4.40
C GLY A 222 12.97 2.22 3.44
N PHE A 223 14.14 2.25 2.82
CA PHE A 223 14.55 3.29 1.86
C PHE A 223 14.67 2.53 0.54
N THR A 224 13.87 2.89 -0.45
CA THR A 224 13.70 2.09 -1.70
C THR A 224 14.02 2.98 -2.90
N GLU A 225 14.93 2.54 -3.79
CA GLU A 225 15.18 3.20 -5.10
C GLU A 225 14.00 2.80 -5.98
N THR A 226 13.23 3.73 -6.53
CA THR A 226 12.06 3.44 -7.42
C THR A 226 12.47 3.69 -8.89
N GLU A 227 11.80 4.60 -9.62
CA GLU A 227 12.14 4.92 -11.04
C GLU A 227 13.18 6.05 -11.08
N PRO A 235 23.11 13.41 -2.03
CA PRO A 235 24.51 12.95 -2.12
C PRO A 235 24.95 12.05 -0.95
N GLU A 236 25.13 12.64 0.24
CA GLU A 236 25.36 11.94 1.54
C GLU A 236 24.08 11.20 1.99
N ILE A 237 22.88 11.66 1.57
CA ILE A 237 21.57 11.01 1.88
C ILE A 237 21.62 9.57 1.38
N ARG A 238 21.86 9.39 0.08
CA ARG A 238 21.81 8.08 -0.60
C ARG A 238 22.72 7.09 0.14
N LYS A 239 23.78 7.60 0.74
CA LYS A 239 24.85 6.78 1.36
C LYS A 239 24.37 6.27 2.71
N ALA A 240 23.84 7.17 3.55
CA ALA A 240 23.29 6.90 4.90
C ALA A 240 22.11 5.91 4.80
N LEU A 241 21.32 6.06 3.75
CA LEU A 241 20.10 5.22 3.56
C LEU A 241 20.53 3.82 3.07
N SER A 242 21.48 3.70 2.15
CA SER A 242 22.01 2.37 1.72
C SER A 242 22.60 1.65 2.94
N SER A 243 23.41 2.33 3.74
CA SER A 243 24.16 1.65 4.84
C SER A 243 23.28 1.52 6.09
N ALA A 244 22.10 2.16 6.13
CA ALA A 244 21.14 1.93 7.24
C ALA A 244 20.68 0.44 7.20
N SER A 245 20.63 -0.19 6.03
CA SER A 245 20.36 -1.64 5.91
C SER A 245 21.58 -2.44 6.41
N VAL A 246 21.34 -3.56 7.10
CA VAL A 246 22.47 -4.49 7.45
C VAL A 246 23.01 -5.13 6.18
N PHE A 247 22.33 -5.00 5.04
CA PHE A 247 22.80 -5.58 3.74
C PHE A 247 23.51 -4.48 2.95
N GLY A 248 23.51 -3.24 3.44
CA GLY A 248 24.26 -2.12 2.82
C GLY A 248 23.82 -1.86 1.38
N ARG A 249 22.51 -1.88 1.14
CA ARG A 249 21.91 -1.39 -0.12
C ARG A 249 20.54 -0.79 0.19
N LEU A 250 20.04 0.01 -0.74
CA LEU A 250 18.64 0.43 -0.80
C LEU A 250 17.79 -0.79 -1.17
N GLY A 251 16.52 -0.78 -0.76
CA GLY A 251 15.53 -1.74 -1.24
C GLY A 251 15.20 -1.48 -2.69
N ALA A 252 14.68 -2.50 -3.34
CA ALA A 252 13.99 -2.41 -4.65
C ALA A 252 12.50 -2.61 -4.43
N PRO A 253 11.65 -2.02 -5.29
CA PRO A 253 10.22 -2.34 -5.30
C PRO A 253 9.94 -3.84 -5.11
N ALA A 254 10.64 -4.73 -5.83
CA ALA A 254 10.42 -6.19 -5.75
C ALA A 254 10.60 -6.68 -4.31
N ASP A 255 11.49 -6.08 -3.53
CA ASP A 255 11.76 -6.53 -2.15
C ASP A 255 10.43 -6.43 -1.36
N ILE A 256 9.70 -5.33 -1.52
CA ILE A 256 8.46 -5.05 -0.76
C ILE A 256 7.36 -5.98 -1.30
N ALA A 257 7.24 -6.03 -2.62
CA ALA A 257 6.16 -6.70 -3.35
C ALA A 257 6.20 -8.20 -3.06
N ASP A 258 7.39 -8.76 -2.88
CA ASP A 258 7.57 -10.19 -2.48
C ASP A 258 6.98 -10.45 -1.08
N VAL A 259 7.15 -9.52 -0.16
CA VAL A 259 6.62 -9.68 1.22
C VAL A 259 5.08 -9.51 1.17
N VAL A 260 4.62 -8.51 0.42
CA VAL A 260 3.18 -8.17 0.32
C VAL A 260 2.44 -9.35 -0.30
N SER A 261 2.99 -9.91 -1.38
CA SER A 261 2.42 -11.10 -2.05
C SER A 261 2.26 -12.27 -1.06
N PHE A 262 3.19 -12.42 -0.13
CA PHE A 262 3.09 -13.49 0.88
C PHE A 262 1.95 -13.16 1.85
N VAL A 263 1.99 -11.95 2.39
CA VAL A 263 1.01 -11.51 3.42
C VAL A 263 -0.40 -11.68 2.83
N ALA A 264 -0.57 -11.36 1.55
CA ALA A 264 -1.86 -11.44 0.84
C ALA A 264 -2.25 -12.89 0.52
N SER A 265 -1.39 -13.89 0.68
CA SER A 265 -1.66 -15.31 0.33
C SER A 265 -2.25 -16.06 1.52
N ASP A 266 -2.82 -17.22 1.24
CA ASP A 266 -3.34 -18.17 2.25
C ASP A 266 -2.16 -18.63 3.13
N GLU A 267 -0.94 -18.59 2.66
CA GLU A 267 0.23 -18.95 3.51
C GLU A 267 0.39 -18.02 4.74
N ALA A 268 -0.09 -16.78 4.70
CA ALA A 268 0.06 -15.82 5.83
C ALA A 268 -1.23 -15.73 6.65
N ARG A 269 -2.13 -16.71 6.48
CA ARG A 269 -3.49 -16.72 7.13
C ARG A 269 -3.37 -16.70 8.66
N TRP A 270 -2.27 -17.20 9.23
CA TRP A 270 -2.00 -17.24 10.69
C TRP A 270 -1.23 -16.01 11.14
N VAL A 271 -1.03 -15.04 10.23
CA VAL A 271 -0.26 -13.80 10.51
C VAL A 271 -1.23 -12.63 10.43
N THR A 272 -1.48 -11.94 11.54
CA THR A 272 -2.47 -10.84 11.59
C THR A 272 -2.14 -9.87 12.71
N GLY A 273 -2.49 -8.61 12.47
CA GLY A 273 -2.25 -7.47 13.35
C GLY A 273 -0.81 -7.06 13.35
N GLN A 274 0.01 -7.57 12.44
CA GLN A 274 1.48 -7.42 12.57
C GLN A 274 2.01 -6.20 11.78
N TRP A 275 3.13 -5.70 12.28
CA TRP A 275 4.04 -4.73 11.62
C TRP A 275 5.23 -5.53 11.03
N ILE A 276 5.11 -5.84 9.74
CA ILE A 276 6.05 -6.68 8.96
C ILE A 276 7.15 -5.79 8.38
N ASP A 277 8.37 -5.98 8.88
CA ASP A 277 9.58 -5.18 8.57
C ASP A 277 10.11 -5.63 7.20
N ALA A 278 10.03 -4.74 6.20
CA ALA A 278 10.54 -4.96 4.84
C ALA A 278 11.59 -3.87 4.53
N THR A 279 12.58 -3.69 5.42
CA THR A 279 13.55 -2.56 5.41
C THR A 279 14.99 -3.01 5.18
N GLY A 280 15.25 -4.29 5.00
CA GLY A 280 16.61 -4.85 5.03
C GLY A 280 17.30 -4.59 6.39
N GLY A 281 16.56 -4.69 7.50
CA GLY A 281 17.16 -4.66 8.84
C GLY A 281 17.56 -3.26 9.24
N VAL A 282 16.84 -2.25 8.74
CA VAL A 282 16.99 -0.85 9.21
C VAL A 282 16.69 -0.77 10.72
N GLY A 283 17.52 -0.02 11.44
CA GLY A 283 17.36 0.31 12.87
C GLY A 283 17.78 -0.82 13.77
N LEU A 284 18.38 -1.88 13.24
CA LEU A 284 18.59 -3.16 13.98
C LEU A 284 19.57 -2.93 15.14
N GLY A 285 20.75 -2.40 14.84
CA GLY A 285 21.89 -2.27 15.78
C GLY A 285 22.14 -0.84 16.28
N LEU A 286 23.35 -0.64 16.81
CA LEU A 286 24.02 0.60 17.31
C LEU A 286 24.75 0.33 18.63
#